data_9QT6
#
_entry.id   9QT6
#
_cell.length_a   76.190
_cell.length_b   68.100
_cell.length_c   58.430
_cell.angle_alpha   90.00
_cell.angle_beta   96.33
_cell.angle_gamma   90.00
#
_symmetry.space_group_name_H-M   'C 1 2 1'
#
loop_
_entity.id
_entity.type
_entity.pdbx_description
1 polymer 'Mitogen-activated protein kinase kinase kinase kinase 1'
2 non-polymer 3-[(1,3-dimethylpyrazol-4-yl)amino]-5-(methylamino)-6-(3-methylimidazo[4,5-c]pyridin-7-yl)pyrazine-2-carboxamide
3 non-polymer 1,2-ETHANEDIOL
4 water water
#
_entity_poly.entity_id   1
_entity_poly.type   'polypeptide(L)'
_entity_poly.pdbx_seq_one_letter_code
;GSDVVDPDIFNRDPRDHYDLLQRLGGGTYGEVFKARDKVSGDLVALKMVKMEPDDDVSTLQKEILILKTCRHANIVAYHG
SYLWLQKLWICMEFCGAGSLQDIYQVTGSLSELQISYVCREVLQGLAYLHSQKKIHRDIKGANILINDAGEVRLADFGIS
AQIGAELARRLEFIGTPYWMAPEVAAVALKGGYNELCDIWSLGITAIELAELQPPLFDVHPLRVLFLMTKSGYQPPRLKE
KGKWSAAFHNFIKVTLTKSPKKRPSATKMLSHQLVSQPGLNRGLILDLLDKLKN
;
_entity_poly.pdbx_strand_id   A
#
loop_
_chem_comp.id
_chem_comp.type
_chem_comp.name
_chem_comp.formula
A1JAF non-polymer 3-[(1,3-dimethylpyrazol-4-yl)amino]-5-(methylamino)-6-(3-methylimidazo[4,5-c]pyridin-7-yl)pyrazine-2-carboxamide 'C18 H20 N10 O'
EDO non-polymer 1,2-ETHANEDIOL 'C2 H6 O2'
#
# COMPACT_ATOMS: atom_id res chain seq x y z
N PRO A 7 2.27 24.77 -13.72
CA PRO A 7 3.59 24.86 -13.07
C PRO A 7 3.62 24.05 -11.78
N ASP A 8 4.71 23.30 -11.59
CA ASP A 8 4.88 22.40 -10.45
C ASP A 8 6.36 22.09 -10.26
N ILE A 9 6.72 21.46 -9.10
CA ILE A 9 8.10 21.13 -8.70
C ILE A 9 8.88 22.45 -8.54
N PHE A 10 8.40 23.30 -7.61
CA PHE A 10 8.97 24.62 -7.36
C PHE A 10 10.36 24.56 -6.73
N ASN A 11 11.30 25.40 -7.25
CA ASN A 11 12.70 25.48 -6.79
C ASN A 11 12.79 26.30 -5.51
N ARG A 12 12.16 25.81 -4.45
CA ARG A 12 12.16 26.52 -3.17
C ARG A 12 11.96 25.62 -1.98
N ASP A 13 12.29 26.14 -0.78
CA ASP A 13 12.10 25.41 0.49
C ASP A 13 10.60 25.22 0.76
N PRO A 14 10.08 23.99 0.99
CA PRO A 14 8.64 23.85 1.32
C PRO A 14 8.24 24.61 2.59
N ARG A 15 9.21 24.94 3.47
CA ARG A 15 8.97 25.71 4.68
C ARG A 15 8.42 27.13 4.41
N ASP A 16 8.65 27.67 3.20
CA ASP A 16 8.13 28.98 2.80
C ASP A 16 6.58 28.96 2.79
N HIS A 17 5.98 27.77 2.56
CA HIS A 17 4.54 27.62 2.47
C HIS A 17 3.90 26.78 3.59
N TYR A 18 4.72 26.00 4.32
CA TYR A 18 4.24 25.06 5.33
C TYR A 18 5.06 25.06 6.62
N ASP A 19 4.37 24.81 7.74
CA ASP A 19 5.03 24.65 9.05
C ASP A 19 5.22 23.15 9.30
N LEU A 20 6.49 22.68 9.44
CA LEU A 20 6.78 21.25 9.70
C LEU A 20 6.47 21.00 11.16
N LEU A 21 5.48 20.14 11.45
CA LEU A 21 5.03 19.89 12.82
C LEU A 21 5.73 18.72 13.47
N GLN A 22 5.73 17.54 12.84
CA GLN A 22 6.38 16.34 13.37
C GLN A 22 6.65 15.30 12.31
N ARG A 23 7.64 14.44 12.56
CA ARG A 23 7.99 13.33 11.73
C ARG A 23 6.95 12.24 11.96
N LEU A 24 6.32 11.76 10.88
CA LEU A 24 5.29 10.72 10.96
C LEU A 24 5.87 9.31 10.80
N GLY A 25 6.96 9.20 10.04
CA GLY A 25 7.66 7.95 9.79
C GLY A 25 8.35 7.98 8.44
N GLY A 26 8.70 6.82 7.93
CA GLY A 26 9.42 6.72 6.67
C GLY A 26 10.00 5.36 6.41
N GLY A 27 10.71 5.25 5.30
CA GLY A 27 11.33 4.02 4.85
C GLY A 27 12.06 4.29 3.55
N THR A 28 12.22 3.25 2.72
CA THR A 28 12.93 3.37 1.42
C THR A 28 12.24 4.36 0.45
N TYR A 29 10.94 4.60 0.64
CA TYR A 29 10.14 5.52 -0.16
C TYR A 29 10.36 7.02 0.21
N GLY A 30 10.95 7.28 1.36
CA GLY A 30 11.15 8.66 1.79
C GLY A 30 10.83 8.89 3.24
N GLU A 31 10.92 10.16 3.71
CA GLU A 31 10.62 10.54 5.10
C GLU A 31 9.35 11.40 5.08
N VAL A 32 8.38 11.07 5.94
CA VAL A 32 7.07 11.73 5.94
C VAL A 32 6.87 12.58 7.18
N PHE A 33 6.33 13.81 6.97
CA PHE A 33 6.13 14.79 8.02
C PHE A 33 4.71 15.33 8.02
N LYS A 34 4.20 15.61 9.19
CA LYS A 34 2.91 16.27 9.34
C LYS A 34 3.21 17.76 9.13
N ALA A 35 2.38 18.45 8.33
CA ALA A 35 2.61 19.88 8.08
C ALA A 35 1.31 20.64 7.97
N ARG A 36 1.37 21.96 8.12
CA ARG A 36 0.18 22.81 8.05
C ARG A 36 0.37 23.91 7.04
N ASP A 37 -0.61 24.05 6.13
CA ASP A 37 -0.65 25.14 5.18
C ASP A 37 -0.68 26.47 5.97
N LYS A 38 0.32 27.35 5.73
CA LYS A 38 0.45 28.64 6.42
C LYS A 38 -0.70 29.63 6.19
N VAL A 39 -1.42 29.50 5.05
CA VAL A 39 -2.51 30.41 4.70
C VAL A 39 -3.87 29.87 5.14
N SER A 40 -4.22 28.65 4.71
CA SER A 40 -5.52 28.02 4.99
C SER A 40 -5.61 27.25 6.32
N GLY A 41 -4.47 26.83 6.87
CA GLY A 41 -4.45 26.07 8.13
C GLY A 41 -4.65 24.57 7.97
N ASP A 42 -5.01 24.10 6.75
CA ASP A 42 -5.23 22.68 6.44
C ASP A 42 -3.99 21.84 6.71
N LEU A 43 -4.20 20.61 7.21
CA LEU A 43 -3.11 19.68 7.47
C LEU A 43 -2.74 18.91 6.20
N VAL A 44 -1.43 18.72 5.97
CA VAL A 44 -0.93 17.94 4.83
C VAL A 44 0.15 16.98 5.34
N ALA A 45 0.53 16.00 4.51
CA ALA A 45 1.68 15.16 4.79
C ALA A 45 2.73 15.57 3.74
N LEU A 46 3.96 15.90 4.19
CA LEU A 46 5.02 16.27 3.29
C LEU A 46 6.02 15.12 3.27
N LYS A 47 6.28 14.57 2.07
CA LYS A 47 7.24 13.46 1.92
C LYS A 47 8.52 13.95 1.27
N MET A 48 9.66 13.68 1.90
CA MET A 48 10.99 14.07 1.42
C MET A 48 11.67 12.85 0.79
N VAL A 49 12.12 12.98 -0.46
CA VAL A 49 12.81 11.90 -1.14
C VAL A 49 14.12 12.46 -1.70
N LYS A 50 15.24 11.85 -1.28
CA LYS A 50 16.56 12.31 -1.73
C LYS A 50 16.78 12.01 -3.23
N MET A 51 17.30 12.97 -3.96
CA MET A 51 17.58 12.80 -5.37
C MET A 51 18.98 12.26 -5.58
N GLU A 52 19.12 11.21 -6.39
CA GLU A 52 20.39 10.56 -6.72
C GLU A 52 21.11 11.24 -7.90
N PRO A 53 22.46 11.11 -8.03
CA PRO A 53 23.17 11.73 -9.17
C PRO A 53 22.72 11.29 -10.57
N ASP A 54 22.15 10.07 -10.70
CA ASP A 54 21.65 9.60 -12.00
C ASP A 54 20.17 9.97 -12.23
N ASP A 55 19.57 10.71 -11.30
CA ASP A 55 18.19 11.16 -11.52
C ASP A 55 18.28 12.38 -12.44
N ASP A 56 17.26 12.59 -13.26
CA ASP A 56 17.23 13.74 -14.16
C ASP A 56 15.85 14.37 -14.04
N VAL A 57 15.72 15.69 -14.23
CA VAL A 57 14.40 16.31 -14.04
C VAL A 57 13.47 16.01 -15.24
N SER A 58 14.00 15.60 -16.42
CA SER A 58 13.11 15.23 -17.53
C SER A 58 12.27 13.99 -17.13
N THR A 59 12.91 12.99 -16.51
CA THR A 59 12.21 11.78 -16.03
C THR A 59 11.30 12.14 -14.85
N LEU A 60 11.83 12.95 -13.91
CA LEU A 60 11.09 13.40 -12.74
C LEU A 60 9.80 14.12 -13.14
N GLN A 61 9.84 15.00 -14.17
CA GLN A 61 8.66 15.72 -14.66
C GLN A 61 7.59 14.75 -15.15
N LYS A 62 8.00 13.64 -15.84
CA LYS A 62 7.09 12.59 -16.32
C LYS A 62 6.46 11.84 -15.14
N GLU A 63 7.24 11.57 -14.08
CA GLU A 63 6.72 10.85 -12.91
C GLU A 63 5.65 11.68 -12.20
N ILE A 64 5.91 13.00 -12.02
CA ILE A 64 4.99 13.92 -11.34
C ILE A 64 3.72 14.14 -12.18
N LEU A 65 3.86 14.12 -13.52
CA LEU A 65 2.71 14.26 -14.41
C LEU A 65 1.72 13.09 -14.20
N ILE A 66 2.24 11.87 -14.02
CA ILE A 66 1.41 10.69 -13.73
C ILE A 66 0.63 10.90 -12.41
N LEU A 67 1.29 11.43 -11.34
CA LEU A 67 0.65 11.73 -10.05
C LEU A 67 -0.48 12.79 -10.18
N LYS A 68 -0.29 13.80 -11.03
CA LYS A 68 -1.25 14.88 -11.25
C LYS A 68 -2.52 14.42 -11.98
N THR A 69 -2.35 13.60 -13.03
CA THR A 69 -3.39 13.16 -13.95
C THR A 69 -4.17 11.95 -13.47
N CYS A 70 -3.48 11.00 -12.84
CA CYS A 70 -4.08 9.77 -12.38
C CYS A 70 -4.63 9.88 -10.95
N ARG A 71 -5.97 10.09 -10.84
CA ARG A 71 -6.68 10.31 -9.58
C ARG A 71 -7.75 9.28 -9.33
N HIS A 72 -7.86 8.82 -8.08
CA HIS A 72 -8.85 7.84 -7.65
C HIS A 72 -9.10 8.03 -6.18
N ALA A 73 -10.37 7.88 -5.75
CA ALA A 73 -10.82 8.01 -4.38
C ALA A 73 -10.06 7.09 -3.38
N ASN A 74 -9.52 5.95 -3.85
CA ASN A 74 -8.81 5.02 -2.96
C ASN A 74 -7.29 5.14 -3.04
N ILE A 75 -6.79 6.26 -3.57
CA ILE A 75 -5.35 6.58 -3.60
C ILE A 75 -5.22 7.99 -3.00
N VAL A 76 -4.29 8.17 -2.03
CA VAL A 76 -3.95 9.44 -1.35
C VAL A 76 -3.70 10.47 -2.47
N ALA A 77 -4.39 11.60 -2.42
CA ALA A 77 -4.26 12.67 -3.42
C ALA A 77 -2.93 13.42 -3.32
N TYR A 78 -2.37 13.77 -4.50
CA TYR A 78 -1.16 14.57 -4.68
C TYR A 78 -1.61 16.05 -4.72
N HIS A 79 -0.89 16.95 -4.01
CA HIS A 79 -1.23 18.39 -4.05
C HIS A 79 -0.25 19.21 -4.88
N GLY A 80 1.05 18.87 -4.79
CA GLY A 80 2.11 19.64 -5.45
C GLY A 80 3.48 19.20 -4.95
N SER A 81 4.55 19.75 -5.53
CA SER A 81 5.89 19.33 -5.11
C SER A 81 6.92 20.42 -5.19
N TYR A 82 8.06 20.18 -4.53
CA TYR A 82 9.20 21.08 -4.43
C TYR A 82 10.49 20.29 -4.72
N LEU A 83 11.52 20.99 -5.20
CA LEU A 83 12.85 20.43 -5.44
C LEU A 83 13.80 21.44 -4.81
N TRP A 84 14.37 21.07 -3.65
CA TRP A 84 15.20 21.97 -2.86
C TRP A 84 16.38 21.22 -2.27
N LEU A 85 17.62 21.68 -2.56
CA LEU A 85 18.86 21.13 -2.02
C LEU A 85 18.95 19.59 -2.19
N GLN A 86 18.66 19.11 -3.42
CA GLN A 86 18.70 17.72 -3.86
C GLN A 86 17.63 16.83 -3.21
N LYS A 87 16.56 17.45 -2.70
CA LYS A 87 15.46 16.70 -2.12
C LYS A 87 14.17 17.08 -2.83
N LEU A 88 13.41 16.06 -3.23
CA LEU A 88 12.09 16.21 -3.81
C LEU A 88 11.11 16.14 -2.66
N TRP A 89 10.26 17.17 -2.52
CA TRP A 89 9.27 17.21 -1.46
C TRP A 89 7.90 17.08 -2.09
N ILE A 90 7.12 16.06 -1.71
CA ILE A 90 5.79 15.84 -2.25
C ILE A 90 4.75 16.18 -1.20
N CYS A 91 3.86 17.12 -1.53
CA CYS A 91 2.77 17.50 -0.66
C CYS A 91 1.59 16.60 -0.97
N MET A 92 0.99 16.00 0.06
CA MET A 92 -0.13 15.08 -0.12
C MET A 92 -1.18 15.15 0.98
N GLU A 93 -2.36 14.55 0.70
CA GLU A 93 -3.49 14.47 1.62
C GLU A 93 -3.04 13.82 2.93
N PHE A 94 -3.38 14.47 4.05
CA PHE A 94 -3.07 13.97 5.37
C PHE A 94 -4.14 12.91 5.73
N CYS A 95 -3.69 11.71 6.19
CA CYS A 95 -4.53 10.56 6.61
C CYS A 95 -4.25 10.36 8.08
N GLY A 96 -5.07 11.02 8.90
CA GLY A 96 -4.94 11.16 10.35
C GLY A 96 -4.72 9.94 11.20
N ALA A 97 -5.28 8.79 10.79
CA ALA A 97 -5.15 7.57 11.59
C ALA A 97 -3.87 6.80 11.29
N GLY A 98 -3.15 7.18 10.25
CA GLY A 98 -1.93 6.47 9.88
C GLY A 98 -2.21 5.22 9.07
N SER A 99 -1.26 4.27 9.07
CA SER A 99 -1.41 3.05 8.29
C SER A 99 -2.22 1.99 9.08
N LEU A 100 -2.73 0.97 8.40
CA LEU A 100 -3.41 -0.14 9.07
C LEU A 100 -2.49 -0.85 10.07
N GLN A 101 -1.17 -0.89 9.79
CA GLN A 101 -0.20 -1.46 10.73
C GLN A 101 -0.17 -0.61 11.99
N ASP A 102 -0.10 0.74 11.87
CA ASP A 102 -0.14 1.62 13.06
C ASP A 102 -1.38 1.36 13.91
N ILE A 103 -2.51 1.12 13.23
CA ILE A 103 -3.79 0.88 13.91
C ILE A 103 -3.83 -0.49 14.58
N TYR A 104 -3.58 -1.59 13.83
CA TYR A 104 -3.73 -2.91 14.44
C TYR A 104 -2.70 -3.17 15.55
N GLN A 105 -1.59 -2.41 15.59
CA GLN A 105 -0.63 -2.61 16.67
C GLN A 105 -1.21 -2.15 18.01
N VAL A 106 -2.18 -1.23 17.97
CA VAL A 106 -2.88 -0.69 19.14
C VAL A 106 -4.18 -1.48 19.40
N THR A 107 -5.01 -1.74 18.35
CA THR A 107 -6.32 -2.39 18.50
C THR A 107 -6.34 -3.90 18.56
N GLY A 108 -5.32 -4.55 18.00
CA GLY A 108 -5.35 -5.99 17.86
C GLY A 108 -6.04 -6.31 16.55
N SER A 109 -6.33 -7.58 16.31
CA SER A 109 -6.89 -7.99 15.02
C SER A 109 -8.20 -7.28 14.64
N LEU A 110 -8.38 -7.03 13.33
CA LEU A 110 -9.56 -6.40 12.79
C LEU A 110 -10.65 -7.45 12.71
N SER A 111 -11.92 -7.04 12.75
CA SER A 111 -13.03 -8.01 12.63
C SER A 111 -13.05 -8.48 11.17
N GLU A 112 -13.68 -9.63 10.87
CA GLU A 112 -13.77 -10.09 9.47
C GLU A 112 -14.49 -9.02 8.61
N LEU A 113 -15.55 -8.35 9.14
CA LEU A 113 -16.26 -7.31 8.40
C LEU A 113 -15.35 -6.13 8.06
N GLN A 114 -14.49 -5.70 9.01
CA GLN A 114 -13.58 -4.58 8.82
C GLN A 114 -12.55 -4.89 7.73
N ILE A 115 -12.07 -6.14 7.70
CA ILE A 115 -11.11 -6.61 6.67
C ILE A 115 -11.80 -6.66 5.31
N SER A 116 -13.07 -7.09 5.29
CA SER A 116 -13.83 -7.19 4.04
C SER A 116 -13.93 -5.79 3.42
N TYR A 117 -14.22 -4.76 4.26
CA TYR A 117 -14.29 -3.37 3.80
C TYR A 117 -12.95 -2.89 3.26
N VAL A 118 -11.85 -3.08 4.02
CA VAL A 118 -10.50 -2.68 3.58
C VAL A 118 -10.18 -3.37 2.25
N CYS A 119 -10.40 -4.72 2.13
CA CYS A 119 -10.13 -5.44 0.86
C CYS A 119 -10.96 -4.89 -0.31
N ARG A 120 -12.25 -4.56 -0.10
CA ARG A 120 -13.07 -3.98 -1.17
C ARG A 120 -12.45 -2.64 -1.64
N GLU A 121 -12.08 -1.75 -0.68
CA GLU A 121 -11.49 -0.46 -1.03
C GLU A 121 -10.13 -0.58 -1.74
N VAL A 122 -9.25 -1.48 -1.27
CA VAL A 122 -7.94 -1.70 -1.88
C VAL A 122 -8.13 -2.28 -3.30
N LEU A 123 -9.11 -3.23 -3.47
CA LEU A 123 -9.41 -3.82 -4.79
C LEU A 123 -9.84 -2.74 -5.78
N GLN A 124 -10.58 -1.74 -5.29
CA GLN A 124 -11.02 -0.63 -6.15
C GLN A 124 -9.81 0.19 -6.60
N GLY A 125 -8.90 0.51 -5.67
CA GLY A 125 -7.66 1.22 -5.97
C GLY A 125 -6.77 0.44 -6.94
N LEU A 126 -6.64 -0.88 -6.71
CA LEU A 126 -5.86 -1.76 -7.57
C LEU A 126 -6.43 -1.87 -8.97
N ALA A 127 -7.78 -2.00 -9.10
CA ALA A 127 -8.46 -2.08 -10.41
C ALA A 127 -8.17 -0.81 -11.21
N TYR A 128 -8.13 0.34 -10.52
CA TYR A 128 -7.80 1.61 -11.17
C TYR A 128 -6.33 1.61 -11.67
N LEU A 129 -5.36 1.28 -10.80
CA LEU A 129 -3.94 1.27 -11.18
C LEU A 129 -3.67 0.31 -12.35
N HIS A 130 -4.22 -0.90 -12.29
CA HIS A 130 -4.04 -1.91 -13.33
C HIS A 130 -4.63 -1.44 -14.67
N SER A 131 -5.71 -0.60 -14.64
CA SER A 131 -6.31 -0.06 -15.88
C SER A 131 -5.39 0.99 -16.50
N GLN A 132 -4.55 1.63 -15.68
CA GLN A 132 -3.59 2.65 -16.11
C GLN A 132 -2.24 1.98 -16.43
N LYS A 133 -2.22 0.63 -16.50
CA LYS A 133 -1.05 -0.24 -16.78
C LYS A 133 0.05 -0.12 -15.73
N LYS A 134 -0.34 0.07 -14.48
CA LYS A 134 0.56 0.21 -13.35
C LYS A 134 0.37 -0.91 -12.34
N ILE A 135 1.46 -1.67 -12.10
CA ILE A 135 1.53 -2.71 -11.08
C ILE A 135 1.98 -1.99 -9.81
N HIS A 136 1.28 -2.19 -8.67
CA HIS A 136 1.66 -1.53 -7.41
C HIS A 136 2.94 -2.19 -6.85
N ARG A 137 2.91 -3.51 -6.64
CA ARG A 137 4.04 -4.33 -6.17
C ARG A 137 4.43 -4.09 -4.71
N ASP A 138 3.69 -3.28 -3.95
CA ASP A 138 4.02 -3.04 -2.54
C ASP A 138 2.78 -2.99 -1.63
N ILE A 139 1.79 -3.89 -1.88
CA ILE A 139 0.60 -3.98 -1.06
C ILE A 139 0.88 -4.68 0.25
N LYS A 140 0.64 -3.96 1.35
CA LYS A 140 0.82 -4.45 2.71
C LYS A 140 0.14 -3.46 3.65
N GLY A 141 -0.16 -3.89 4.87
CA GLY A 141 -0.83 -3.04 5.87
C GLY A 141 -0.18 -1.68 6.09
N ALA A 142 1.18 -1.62 6.15
CA ALA A 142 1.93 -0.38 6.36
C ALA A 142 1.73 0.65 5.21
N ASN A 143 1.27 0.19 4.04
CA ASN A 143 1.13 1.05 2.85
C ASN A 143 -0.32 1.35 2.49
N ILE A 144 -1.22 1.09 3.45
CA ILE A 144 -2.65 1.39 3.34
C ILE A 144 -2.97 2.32 4.47
N LEU A 145 -3.44 3.54 4.15
CA LEU A 145 -3.69 4.58 5.15
C LEU A 145 -5.15 4.81 5.36
N ILE A 146 -5.48 5.32 6.55
CA ILE A 146 -6.85 5.61 6.97
C ILE A 146 -6.91 7.07 7.40
N ASN A 147 -7.91 7.81 6.90
CA ASN A 147 -8.07 9.21 7.30
C ASN A 147 -9.04 9.28 8.47
N ASP A 148 -9.32 10.48 8.97
CA ASP A 148 -10.21 10.74 10.11
C ASP A 148 -11.71 10.45 9.83
N ALA A 149 -12.07 10.28 8.55
CA ALA A 149 -13.45 9.94 8.16
C ALA A 149 -13.59 8.39 7.98
N GLY A 150 -12.51 7.64 8.21
CA GLY A 150 -12.47 6.19 8.11
C GLY A 150 -12.37 5.66 6.69
N GLU A 151 -11.91 6.51 5.77
CA GLU A 151 -11.72 6.21 4.36
C GLU A 151 -10.41 5.51 4.16
N VAL A 152 -10.40 4.56 3.21
CA VAL A 152 -9.23 3.72 2.92
C VAL A 152 -8.47 4.27 1.69
N ARG A 153 -7.16 4.53 1.85
CA ARG A 153 -6.34 5.04 0.75
C ARG A 153 -5.04 4.30 0.62
N LEU A 154 -4.67 3.90 -0.61
CA LEU A 154 -3.34 3.36 -0.88
C LEU A 154 -2.43 4.58 -0.65
N ALA A 155 -1.31 4.42 0.08
CA ALA A 155 -0.39 5.51 0.42
C ALA A 155 0.21 6.13 -0.84
N ASP A 156 0.48 5.31 -1.86
CA ASP A 156 1.03 5.78 -3.13
C ASP A 156 0.64 4.83 -4.28
N PHE A 157 1.12 5.07 -5.51
N PHE A 157 1.19 5.08 -5.48
CA PHE A 157 0.77 4.19 -6.63
CA PHE A 157 0.94 4.30 -6.70
C PHE A 157 1.61 2.91 -6.65
C PHE A 157 1.81 3.05 -6.76
N GLY A 158 2.48 2.76 -5.67
CA GLY A 158 3.36 1.61 -5.54
C GLY A 158 4.75 2.01 -5.94
N ILE A 159 5.56 1.03 -6.32
CA ILE A 159 6.95 1.26 -6.63
C ILE A 159 7.12 2.06 -7.92
N SER A 160 7.83 3.20 -7.82
CA SER A 160 8.11 4.07 -8.97
C SER A 160 9.05 3.33 -9.91
N ALA A 161 8.78 3.41 -11.21
CA ALA A 161 9.61 2.72 -12.18
C ALA A 161 10.97 3.41 -12.43
N GLN A 162 11.07 4.77 -12.36
CA GLN A 162 12.34 5.39 -12.75
C GLN A 162 12.91 6.51 -11.82
N ILE A 163 12.72 6.38 -10.50
CA ILE A 163 13.25 7.30 -9.49
C ILE A 163 14.38 6.57 -8.74
N GLY A 164 15.54 7.21 -8.65
CA GLY A 164 16.75 6.69 -8.02
C GLY A 164 16.59 6.09 -6.64
N ALA A 165 15.91 6.82 -5.72
CA ALA A 165 15.65 6.45 -4.31
C ALA A 165 14.81 5.22 -4.20
N GLU A 166 13.98 4.97 -5.21
CA GLU A 166 13.08 3.83 -5.25
C GLU A 166 13.79 2.53 -5.67
N LEU A 167 15.13 2.56 -5.93
CA LEU A 167 15.87 1.33 -6.24
C LEU A 167 15.91 0.47 -4.99
N ALA A 168 16.16 1.10 -3.83
CA ALA A 168 16.19 0.45 -2.52
C ALA A 168 14.82 -0.17 -2.22
N ARG A 169 13.74 0.50 -2.64
CA ARG A 169 12.38 0.00 -2.46
C ARG A 169 12.14 -1.19 -3.38
N ARG A 170 12.62 -1.12 -4.64
CA ARG A 170 12.50 -2.23 -5.61
C ARG A 170 13.24 -3.48 -5.09
N LEU A 171 14.33 -3.29 -4.33
CA LEU A 171 15.14 -4.39 -3.81
C LEU A 171 14.77 -4.79 -2.37
N GLU A 172 13.83 -4.07 -1.77
CA GLU A 172 13.43 -4.28 -0.37
C GLU A 172 12.87 -5.66 -0.09
N PHE A 173 12.26 -6.33 -1.11
CA PHE A 173 11.69 -7.68 -0.98
C PHE A 173 12.71 -8.71 -0.48
N ILE A 174 14.02 -8.48 -0.70
CA ILE A 174 15.09 -9.37 -0.23
C ILE A 174 15.07 -9.52 1.31
N GLY A 175 14.83 -8.41 2.02
CA GLY A 175 14.75 -8.39 3.49
C GLY A 175 13.32 -8.58 3.98
N THR A 176 12.34 -8.38 3.07
CA THR A 176 10.90 -8.51 3.39
C THR A 176 10.10 -9.14 2.21
N PRO A 177 10.18 -10.46 1.96
CA PRO A 177 9.45 -11.04 0.82
C PRO A 177 8.03 -11.56 1.13
N TYR A 178 7.61 -11.47 2.40
CA TYR A 178 6.38 -12.10 2.92
C TYR A 178 5.08 -11.75 2.20
N TRP A 179 4.98 -10.56 1.59
CA TRP A 179 3.77 -10.16 0.89
C TRP A 179 3.87 -10.40 -0.63
N MET A 180 5.03 -10.80 -1.13
CA MET A 180 5.32 -10.97 -2.55
C MET A 180 4.73 -12.25 -3.16
N ALA A 181 4.18 -12.15 -4.38
CA ALA A 181 3.66 -13.33 -5.07
C ALA A 181 4.80 -14.29 -5.45
N PRO A 182 4.59 -15.63 -5.40
CA PRO A 182 5.66 -16.58 -5.75
C PRO A 182 6.25 -16.41 -7.14
N GLU A 183 5.40 -16.11 -8.15
CA GLU A 183 5.88 -15.90 -9.54
C GLU A 183 6.81 -14.68 -9.66
N VAL A 184 6.80 -13.77 -8.66
CA VAL A 184 7.70 -12.61 -8.63
C VAL A 184 9.03 -13.11 -8.06
N ALA A 185 9.00 -13.81 -6.90
CA ALA A 185 10.18 -14.37 -6.26
C ALA A 185 10.92 -15.35 -7.21
N ALA A 186 10.17 -16.16 -7.97
CA ALA A 186 10.69 -17.18 -8.89
C ALA A 186 10.95 -16.68 -10.31
N VAL A 187 11.14 -15.36 -10.48
CA VAL A 187 11.42 -14.76 -11.78
C VAL A 187 12.93 -14.83 -12.12
N ALA A 188 13.81 -14.72 -11.09
CA ALA A 188 15.28 -14.64 -11.10
C ALA A 188 15.98 -15.55 -12.13
N GLY A 191 11.03 -16.12 -15.75
CA GLY A 191 10.76 -15.32 -16.94
C GLY A 191 9.96 -14.05 -16.66
N GLY A 192 8.74 -14.22 -16.14
CA GLY A 192 7.87 -13.09 -15.85
C GLY A 192 6.65 -13.28 -14.98
N TYR A 193 5.99 -12.15 -14.69
CA TYR A 193 4.76 -12.01 -13.91
C TYR A 193 3.96 -10.78 -14.42
N ASN A 194 2.78 -10.52 -13.85
CA ASN A 194 1.97 -9.37 -14.24
C ASN A 194 1.22 -8.76 -13.03
N GLU A 195 0.21 -7.91 -13.28
CA GLU A 195 -0.56 -7.20 -12.26
C GLU A 195 -1.26 -8.10 -11.23
N LEU A 196 -1.41 -9.41 -11.54
CA LEU A 196 -2.07 -10.35 -10.63
C LEU A 196 -1.24 -10.62 -9.38
N CYS A 197 0.05 -10.16 -9.38
CA CYS A 197 0.89 -10.25 -8.19
C CYS A 197 0.29 -9.43 -7.05
N ASP A 198 -0.41 -8.32 -7.36
CA ASP A 198 -1.03 -7.42 -6.36
C ASP A 198 -2.22 -8.08 -5.67
N ILE A 199 -2.92 -9.01 -6.39
CA ILE A 199 -4.05 -9.78 -5.84
C ILE A 199 -3.53 -10.73 -4.74
N TRP A 200 -2.38 -11.42 -4.98
CA TRP A 200 -1.76 -12.29 -3.97
C TRP A 200 -1.39 -11.41 -2.76
N SER A 201 -0.71 -10.28 -3.00
CA SER A 201 -0.31 -9.36 -1.89
C SER A 201 -1.52 -8.93 -1.05
N LEU A 202 -2.66 -8.66 -1.70
CA LEU A 202 -3.87 -8.29 -0.98
C LEU A 202 -4.34 -9.48 -0.08
N GLY A 203 -4.23 -10.70 -0.61
CA GLY A 203 -4.57 -11.91 0.14
C GLY A 203 -3.72 -12.06 1.40
N ILE A 204 -2.41 -11.82 1.25
CA ILE A 204 -1.47 -11.83 2.40
C ILE A 204 -1.83 -10.71 3.39
N THR A 205 -2.13 -9.50 2.88
CA THR A 205 -2.53 -8.36 3.72
C THR A 205 -3.78 -8.72 4.54
N ALA A 206 -4.73 -9.40 3.94
CA ALA A 206 -5.96 -9.78 4.62
C ALA A 206 -5.61 -10.71 5.80
N ILE A 207 -4.62 -11.62 5.64
CA ILE A 207 -4.16 -12.49 6.76
C ILE A 207 -3.44 -11.63 7.78
N GLU A 208 -2.66 -10.65 7.33
CA GLU A 208 -1.94 -9.74 8.22
C GLU A 208 -2.90 -8.96 9.14
N LEU A 209 -4.01 -8.47 8.61
CA LEU A 209 -5.01 -7.70 9.40
C LEU A 209 -5.74 -8.60 10.41
N ALA A 210 -5.83 -9.89 10.08
CA ALA A 210 -6.49 -10.94 10.88
C ALA A 210 -5.56 -11.50 11.98
N GLU A 211 -4.24 -11.57 11.72
CA GLU A 211 -3.25 -12.25 12.57
C GLU A 211 -2.12 -11.41 13.09
N LEU A 212 -2.05 -10.13 12.64
CA LEU A 212 -1.09 -9.09 13.05
C LEU A 212 0.31 -9.27 12.46
N GLN A 213 0.46 -10.23 11.55
CA GLN A 213 1.69 -10.47 10.81
C GLN A 213 1.40 -11.33 9.60
N PRO A 214 2.15 -11.18 8.50
CA PRO A 214 1.89 -12.04 7.33
C PRO A 214 2.33 -13.49 7.65
N PRO A 215 1.89 -14.48 6.84
CA PRO A 215 2.37 -15.87 7.06
C PRO A 215 3.90 -15.97 6.96
N LEU A 216 4.52 -16.83 7.78
CA LEU A 216 5.97 -17.10 7.84
C LEU A 216 6.82 -15.87 8.18
N PHE A 217 6.22 -14.81 8.78
CA PHE A 217 6.94 -13.58 9.14
C PHE A 217 8.18 -13.85 9.99
N ASP A 218 8.11 -14.86 10.89
CA ASP A 218 9.20 -15.20 11.80
C ASP A 218 10.30 -16.03 11.14
N VAL A 219 10.08 -16.44 9.88
CA VAL A 219 11.09 -17.19 9.12
C VAL A 219 12.04 -16.20 8.48
N HIS A 220 13.37 -16.47 8.55
CA HIS A 220 14.38 -15.60 7.93
C HIS A 220 13.96 -15.21 6.50
N PRO A 221 13.99 -13.90 6.11
CA PRO A 221 13.51 -13.52 4.77
C PRO A 221 14.20 -14.25 3.62
N LEU A 222 15.51 -14.57 3.76
CA LEU A 222 16.25 -15.28 2.71
C LEU A 222 15.77 -16.72 2.53
N ARG A 223 15.34 -17.33 3.61
CA ARG A 223 14.77 -18.67 3.58
C ARG A 223 13.39 -18.64 2.90
N VAL A 224 12.55 -17.63 3.22
CA VAL A 224 11.24 -17.47 2.60
C VAL A 224 11.36 -17.28 1.10
N LEU A 225 12.24 -16.36 0.68
CA LEU A 225 12.51 -16.07 -0.73
C LEU A 225 12.84 -17.35 -1.51
N PHE A 226 13.68 -18.22 -0.93
CA PHE A 226 14.08 -19.47 -1.58
C PHE A 226 12.90 -20.49 -1.59
N LEU A 227 12.15 -20.61 -0.49
CA LEU A 227 11.00 -21.53 -0.39
C LEU A 227 9.91 -21.27 -1.43
N MET A 228 9.71 -19.99 -1.79
CA MET A 228 8.76 -19.54 -2.82
C MET A 228 9.21 -19.92 -4.23
N THR A 229 10.54 -20.05 -4.46
CA THR A 229 11.10 -20.39 -5.78
C THR A 229 11.02 -21.90 -6.07
N LYS A 230 11.02 -22.71 -5.01
CA LYS A 230 10.95 -24.17 -5.07
C LYS A 230 9.59 -24.61 -5.55
N SER A 231 9.56 -25.75 -6.27
CA SER A 231 8.32 -26.39 -6.72
C SER A 231 7.70 -27.00 -5.45
N GLY A 232 6.37 -27.02 -5.38
CA GLY A 232 5.68 -27.56 -4.23
C GLY A 232 5.37 -26.57 -3.13
N TYR A 233 5.65 -25.26 -3.35
CA TYR A 233 5.36 -24.19 -2.38
C TYR A 233 3.85 -24.14 -2.22
N GLN A 234 3.38 -24.30 -0.98
CA GLN A 234 1.94 -24.29 -0.71
C GLN A 234 1.51 -22.91 -0.26
N PRO A 235 0.47 -22.34 -0.90
CA PRO A 235 0.00 -21.01 -0.47
C PRO A 235 -0.46 -21.03 0.98
N PRO A 236 -0.22 -19.93 1.70
CA PRO A 236 -0.62 -19.88 3.12
C PRO A 236 -2.13 -19.91 3.35
N ARG A 237 -2.54 -20.18 4.59
CA ARG A 237 -3.95 -20.24 4.97
C ARG A 237 -4.12 -19.50 6.30
N LEU A 238 -5.36 -19.17 6.65
CA LEU A 238 -5.64 -18.57 7.96
C LEU A 238 -5.32 -19.65 9.01
N LYS A 239 -4.62 -19.28 10.09
CA LYS A 239 -4.17 -20.16 11.19
C LYS A 239 -5.30 -20.73 12.06
N GLU A 240 -6.22 -19.87 12.53
CA GLU A 240 -7.33 -20.27 13.43
C GLU A 240 -8.61 -20.52 12.63
N LYS A 241 -8.84 -21.78 12.22
CA LYS A 241 -9.98 -22.17 11.36
C LYS A 241 -11.37 -21.75 11.89
N GLY A 242 -11.64 -22.04 13.17
CA GLY A 242 -12.91 -21.73 13.81
C GLY A 242 -13.21 -20.27 14.08
N LYS A 243 -12.28 -19.36 13.75
CA LYS A 243 -12.50 -17.94 13.99
C LYS A 243 -13.14 -17.25 12.79
N TRP A 244 -12.98 -17.82 11.59
CA TRP A 244 -13.38 -17.19 10.32
C TRP A 244 -14.41 -17.96 9.52
N SER A 245 -15.29 -17.23 8.79
CA SER A 245 -16.35 -17.80 7.96
C SER A 245 -15.77 -18.52 6.74
N ALA A 246 -16.55 -19.41 6.15
CA ALA A 246 -16.19 -20.14 4.93
C ALA A 246 -15.90 -19.14 3.79
N ALA A 247 -16.65 -18.00 3.73
CA ALA A 247 -16.46 -16.94 2.73
C ALA A 247 -15.10 -16.27 2.87
N PHE A 248 -14.64 -15.99 4.11
CA PHE A 248 -13.29 -15.39 4.30
C PHE A 248 -12.21 -16.40 3.90
N HIS A 249 -12.33 -17.66 4.35
CA HIS A 249 -11.36 -18.72 3.99
C HIS A 249 -11.32 -18.87 2.46
N ASN A 250 -12.50 -18.80 1.79
CA ASN A 250 -12.57 -18.93 0.34
C ASN A 250 -11.91 -17.72 -0.32
N PHE A 251 -12.12 -16.49 0.21
CA PHE A 251 -11.48 -15.28 -0.34
C PHE A 251 -9.95 -15.43 -0.31
N ILE A 252 -9.42 -15.96 0.82
CA ILE A 252 -7.96 -16.19 0.97
C ILE A 252 -7.50 -17.24 -0.06
N LYS A 253 -8.19 -18.40 -0.12
CA LYS A 253 -7.86 -19.45 -1.08
C LYS A 253 -7.80 -18.94 -2.52
N VAL A 254 -8.75 -18.08 -2.91
CA VAL A 254 -8.87 -17.54 -4.27
C VAL A 254 -7.77 -16.50 -4.61
N THR A 255 -7.52 -15.53 -3.69
CA THR A 255 -6.50 -14.50 -3.93
C THR A 255 -5.10 -15.14 -3.90
N LEU A 256 -4.96 -16.16 -3.05
CA LEU A 256 -3.67 -16.85 -2.92
C LEU A 256 -3.58 -18.06 -3.84
N THR A 257 -4.16 -17.95 -5.05
CA THR A 257 -4.05 -19.01 -6.06
C THR A 257 -2.59 -18.97 -6.51
N LYS A 258 -1.90 -20.12 -6.42
CA LYS A 258 -0.46 -20.21 -6.77
C LYS A 258 -0.19 -19.80 -8.21
N SER A 259 -0.94 -20.35 -9.18
CA SER A 259 -0.71 -19.97 -10.58
C SER A 259 -1.42 -18.67 -10.92
N PRO A 260 -0.68 -17.67 -11.45
CA PRO A 260 -1.33 -16.42 -11.85
C PRO A 260 -2.27 -16.61 -13.04
N LYS A 261 -2.16 -17.74 -13.78
CA LYS A 261 -3.06 -18.07 -14.89
C LYS A 261 -4.48 -18.47 -14.36
N LYS A 262 -4.61 -18.71 -13.04
CA LYS A 262 -5.88 -19.08 -12.42
C LYS A 262 -6.35 -18.01 -11.40
N ARG A 263 -5.50 -17.00 -11.10
CA ARG A 263 -5.81 -16.01 -10.07
C ARG A 263 -6.70 -14.91 -10.64
N PRO A 264 -7.82 -14.54 -9.97
CA PRO A 264 -8.71 -13.51 -10.54
C PRO A 264 -8.14 -12.10 -10.50
N SER A 265 -8.61 -11.27 -11.42
CA SER A 265 -8.21 -9.86 -11.52
C SER A 265 -8.83 -9.08 -10.34
N ALA A 266 -8.35 -7.86 -10.09
CA ALA A 266 -8.86 -6.97 -9.02
C ALA A 266 -10.34 -6.71 -9.23
N THR A 267 -10.74 -6.45 -10.49
CA THR A 267 -12.15 -6.19 -10.82
C THR A 267 -12.99 -7.43 -10.56
N LYS A 268 -12.54 -8.63 -11.04
CA LYS A 268 -13.27 -9.88 -10.78
C LYS A 268 -13.40 -10.17 -9.29
N MET A 269 -12.33 -9.92 -8.49
CA MET A 269 -12.37 -10.15 -7.04
C MET A 269 -13.52 -9.38 -6.36
N LEU A 270 -13.94 -8.25 -6.94
CA LEU A 270 -15.07 -7.44 -6.41
C LEU A 270 -16.43 -8.15 -6.50
N SER A 271 -16.51 -9.27 -7.23
CA SER A 271 -17.76 -10.04 -7.32
C SER A 271 -17.83 -11.11 -6.19
N HIS A 272 -16.73 -11.27 -5.43
CA HIS A 272 -16.65 -12.25 -4.35
C HIS A 272 -17.67 -11.89 -3.26
N GLN A 273 -18.30 -12.91 -2.66
CA GLN A 273 -19.30 -12.72 -1.59
C GLN A 273 -18.73 -11.92 -0.40
N LEU A 274 -17.45 -12.15 -0.03
CA LEU A 274 -16.85 -11.46 1.12
C LEU A 274 -16.89 -9.93 1.02
N VAL A 275 -16.58 -9.40 -0.15
CA VAL A 275 -16.49 -7.97 -0.44
C VAL A 275 -17.82 -7.41 -1.04
N SER A 276 -18.86 -8.24 -1.10
CA SER A 276 -20.19 -7.79 -1.55
C SER A 276 -21.30 -8.23 -0.58
N GLN A 277 -20.93 -8.50 0.68
CA GLN A 277 -21.88 -8.81 1.73
C GLN A 277 -22.54 -7.49 2.22
N PRO A 278 -23.72 -7.50 2.89
CA PRO A 278 -24.30 -6.22 3.31
C PRO A 278 -23.55 -5.56 4.46
N GLY A 279 -23.72 -4.25 4.59
CA GLY A 279 -23.14 -3.44 5.66
C GLY A 279 -21.66 -3.10 5.58
N LEU A 280 -21.12 -2.93 4.36
CA LEU A 280 -19.71 -2.55 4.19
C LEU A 280 -19.64 -1.05 3.91
N ASN A 281 -19.15 -0.25 4.89
CA ASN A 281 -19.03 1.22 4.79
C ASN A 281 -17.95 1.73 5.76
N ARG A 282 -17.55 3.02 5.63
CA ARG A 282 -16.54 3.68 6.46
C ARG A 282 -16.88 3.68 7.96
N GLY A 283 -18.15 3.47 8.29
CA GLY A 283 -18.64 3.37 9.66
C GLY A 283 -17.94 2.23 10.40
N LEU A 284 -17.59 1.14 9.68
CA LEU A 284 -16.85 0.01 10.24
C LEU A 284 -15.46 0.44 10.72
N ILE A 285 -14.84 1.39 9.98
CA ILE A 285 -13.52 1.89 10.34
C ILE A 285 -13.61 2.95 11.41
N LEU A 286 -14.64 3.81 11.35
CA LEU A 286 -14.87 4.80 12.41
C LEU A 286 -14.99 4.06 13.75
N ASP A 287 -15.67 2.88 13.75
CA ASP A 287 -15.81 2.05 14.95
C ASP A 287 -14.44 1.48 15.38
N LEU A 288 -13.55 1.17 14.40
CA LEU A 288 -12.21 0.68 14.68
C LEU A 288 -11.37 1.80 15.36
N LEU A 289 -11.49 3.06 14.86
CA LEU A 289 -10.81 4.23 15.41
C LEU A 289 -11.33 4.61 16.80
N ASP A 290 -12.57 4.20 17.14
CA ASP A 290 -13.16 4.44 18.45
C ASP A 290 -12.45 3.62 19.54
N LYS A 291 -11.81 2.48 19.18
CA LYS A 291 -11.02 1.64 20.09
C LYS A 291 -9.72 2.38 20.45
N LEU A 292 -9.18 3.14 19.50
CA LEU A 292 -7.96 3.97 19.62
C LEU A 292 -8.15 5.10 20.65
N LYS A 293 -9.36 5.70 20.70
CA LYS A 293 -9.69 6.79 21.62
C LYS A 293 -10.38 6.25 22.88
C1 A1JAF B . 3.04 7.85 5.92
C2 A1JAF B . 1.41 9.17 6.85
C3 A1JAF B . 0.88 9.14 9.25
N6 A1JAF B . 3.91 8.17 1.09
C7 A1JAF B . -0.90 10.67 10.44
C8 A1JAF B . 0.93 9.54 5.56
C9 A1JAF B . 2.59 8.20 4.64
C10 A1JAF B . 3.17 7.72 3.35
C11 A1JAF B . 3.40 8.57 2.27
C12 A1JAF B . 4.21 6.87 0.93
C13 A1JAF B . 4.02 5.94 1.94
C14 A1JAF B . 3.49 6.35 3.16
C15 A1JAF B . 3.81 4.26 3.33
C16 A1JAF B . 4.75 3.68 1.05
O A1JAF B . -0.89 11.00 6.22
C17 A1JAF B . -0.22 10.47 5.29
N9 A1JAF B . -0.48 10.71 3.99
N2 A1JAF B . 0.78 9.69 7.97
C6 A1JAF B . 0.12 9.59 10.37
N4 A1JAF B . 0.42 8.91 11.46
N3 A1JAF B . 1.36 8.02 11.07
C5 A1JAF B . 1.93 7.09 12.03
C4 A1JAF B . 1.66 8.13 9.76
N1 A1JAF B . 2.46 8.33 7.03
N5 A1JAF B . 1.54 9.04 4.47
N A1JAF B . 4.06 7.02 6.12
C A1JAF B . 4.88 7.05 7.32
N7 A1JAF B . 3.36 5.28 4.03
N8 A1JAF B . 4.22 4.58 2.07
C1 EDO C . -14.36 -14.03 -7.85
O1 EDO C . -15.43 -14.08 -6.93
C2 EDO C . -13.63 -15.36 -7.81
O2 EDO C . -13.44 -15.82 -9.14
#